data_1QUM
#
_entry.id   1QUM
#
_cell.length_a   133.120
_cell.length_b   58.727
_cell.length_c   51.146
_cell.angle_alpha   90.00
_cell.angle_beta   94.97
_cell.angle_gamma   90.00
#
_symmetry.space_group_name_H-M   'C 1 2 1'
#
loop_
_entity.id
_entity.type
_entity.pdbx_description
1 polymer "5'-D(*CP*GP*TP*CP*C)-3'"
2 polymer "5'-D(*(3DR)P*CP*GP*AP*CP*GP*A)-3'"
3 polymer "5'-D(*TP*CP*GP*TP*CP*GP*GP*GP*GP*AP*CP*G)-3'"
4 polymer 'ENDONUCLEASE IV'
5 non-polymer 'ZINC ION'
6 water water
#
loop_
_entity_poly.entity_id
_entity_poly.type
_entity_poly.pdbx_seq_one_letter_code
_entity_poly.pdbx_strand_id
1 'polydeoxyribonucleotide' (DG)(DC)(DG)(DT)(DC)(DC) B
2 'polydeoxyribonucleotide' (3DR)(DC)(DG)(DA)(DC)(DG)(DA) C
3 'polydeoxyribonucleotide' (DT)(DC)(DG)(DT)(DC)(DG)(DG)(DG)(DG)(DA)(DC)(DG)(DC) D
4 'polypeptide(L)'
;MKYIGAHVSAAGGLANAAIRAAEIDATAFALFTKNQRQWRAAPLTTQTIDEFKAACEKYHYTSAQILPHDSYLINLGHPV
TEALEKSRDAFIDEMQRCEQLGLSLLNFHPGSHLMQISEEDCLARIAESINIALDKTQGVTAVIENTAGQGSNLGFKFEH
LAAIIDGVEDKSRVGVCIDTCHAFAAGYDLRTPAECEKTFADFARTVGFKYLRGMHLNDAKSTFGSRVDRHHSLGEGNIG
HDAFRWIMQDDRFDGIPLILETINPDIWAEEIAWLKAQQTEKAVA
;
A
#
loop_
_chem_comp.id
_chem_comp.type
_chem_comp.name
_chem_comp.formula
3DR DNA linking 1',2'-DIDEOXYRIBOFURANOSE-5'-PHOSPHATE 'C5 H11 O6 P'
DA DNA linking 2'-DEOXYADENOSINE-5'-MONOPHOSPHATE 'C10 H14 N5 O6 P'
DC DNA linking 2'-DEOXYCYTIDINE-5'-MONOPHOSPHATE 'C9 H14 N3 O7 P'
DG DNA linking 2'-DEOXYGUANOSINE-5'-MONOPHOSPHATE 'C10 H14 N5 O7 P'
DT DNA linking THYMIDINE-5'-MONOPHOSPHATE 'C10 H15 N2 O8 P'
ZN non-polymer 'ZINC ION' 'Zn 2'
#
# COMPACT_ATOMS: atom_id res chain seq x y z
O5' 3DR B 1 -5.60 4.99 -1.23
P 3DR B 1 -5.07 4.46 0.20
OP1 3DR B 1 -6.26 4.00 0.97
OP2 3DR B 1 -4.07 3.37 -0.12
OP3 3DR B 1 -4.40 5.70 0.82
C2' 3DR B 1 -6.82 3.44 -5.04
C5' 3DR B 1 -6.42 4.10 -2.01
C4' 3DR B 1 -7.02 4.87 -3.16
O4' 3DR B 1 -5.96 5.40 -4.00
C1' 3DR B 1 -5.75 4.53 -5.09
C3' 3DR B 1 -7.86 4.08 -4.16
O3' 3DR B 1 -8.70 4.94 -4.90
N MET D 1 17.23 0.63 -9.85
CA MET D 1 16.23 1.31 -10.69
C MET D 1 14.94 1.48 -9.89
N LYS D 2 14.18 2.50 -10.27
CA LYS D 2 12.88 2.71 -9.60
C LYS D 2 11.72 2.28 -10.48
N TYR D 3 10.68 1.76 -9.81
CA TYR D 3 9.48 1.35 -10.54
C TYR D 3 8.40 2.37 -10.21
N ILE D 4 7.84 3.03 -11.21
CA ILE D 4 7.05 4.23 -10.91
C ILE D 4 5.71 4.11 -11.61
N GLY D 5 4.61 4.15 -10.85
CA GLY D 5 3.32 4.06 -11.53
C GLY D 5 2.20 4.73 -10.73
N ALA D 6 1.02 4.13 -10.92
CA ALA D 6 -0.19 4.65 -10.30
C ALA D 6 -1.11 3.49 -9.99
N HIS D 7 -2.06 3.77 -9.10
CA HIS D 7 -3.17 2.84 -8.92
C HIS D 7 -4.17 2.97 -10.07
N VAL D 8 -4.06 2.12 -11.07
CA VAL D 8 -4.96 2.20 -12.23
C VAL D 8 -6.24 1.41 -12.02
N SER D 9 -7.23 1.71 -12.86
CA SER D 9 -8.53 1.07 -12.80
C SER D 9 -8.50 -0.35 -13.34
N ALA D 10 -9.20 -1.27 -12.69
CA ALA D 10 -9.32 -2.63 -13.22
C ALA D 10 -10.76 -2.85 -13.71
N ALA D 11 -11.43 -1.74 -14.04
CA ALA D 11 -12.73 -1.87 -14.66
C ALA D 11 -12.61 -2.67 -15.95
N GLY D 12 -13.54 -3.60 -16.09
CA GLY D 12 -13.67 -4.40 -17.28
C GLY D 12 -12.68 -5.54 -17.32
N GLY D 13 -11.92 -5.75 -16.23
CA GLY D 13 -10.99 -6.88 -16.20
C GLY D 13 -9.62 -6.56 -15.65
N LEU D 14 -9.00 -7.46 -14.88
CA LEU D 14 -7.70 -7.12 -14.27
C LEU D 14 -6.68 -6.84 -15.35
N ALA D 15 -6.80 -7.46 -16.53
CA ALA D 15 -5.79 -7.24 -17.56
C ALA D 15 -5.73 -5.78 -17.99
N ASN D 16 -6.87 -5.13 -17.94
CA ASN D 16 -7.10 -3.74 -18.26
C ASN D 16 -6.22 -2.84 -17.40
N ALA D 17 -5.99 -3.25 -16.15
CA ALA D 17 -5.08 -2.49 -15.30
C ALA D 17 -3.69 -2.48 -15.88
N ALA D 18 -3.19 -3.64 -16.32
CA ALA D 18 -1.87 -3.65 -16.92
C ALA D 18 -1.87 -2.82 -18.21
N ILE D 19 -2.94 -2.94 -18.98
CA ILE D 19 -3.00 -2.13 -20.22
C ILE D 19 -3.00 -0.64 -19.94
N ARG D 20 -3.80 -0.19 -18.98
CA ARG D 20 -3.84 1.23 -18.58
C ARG D 20 -2.52 1.68 -18.00
N ALA D 21 -1.82 0.79 -17.29
CA ALA D 21 -0.53 1.21 -16.77
C ALA D 21 0.45 1.49 -17.89
N ALA D 22 0.45 0.61 -18.90
CA ALA D 22 1.34 0.78 -20.05
C ALA D 22 1.00 2.06 -20.80
N GLU D 23 -0.26 2.45 -20.81
CA GLU D 23 -0.66 3.61 -21.60
C GLU D 23 -0.09 4.89 -21.00
N ILE D 24 0.15 4.90 -19.69
CA ILE D 24 0.66 6.11 -19.04
C ILE D 24 2.17 5.97 -18.82
N ASP D 25 2.76 4.97 -19.45
CA ASP D 25 4.15 4.65 -19.44
C ASP D 25 4.66 4.39 -18.01
N ALA D 26 3.79 3.76 -17.23
CA ALA D 26 4.22 3.38 -15.88
C ALA D 26 5.22 2.23 -15.90
N THR D 27 6.10 2.19 -14.92
CA THR D 27 6.94 1.00 -14.72
C THR D 27 6.58 0.27 -13.43
N ALA D 28 5.40 0.54 -12.89
CA ALA D 28 4.85 -0.18 -11.76
C ALA D 28 3.34 0.05 -11.78
N PHE D 29 2.54 -0.75 -11.09
CA PHE D 29 1.14 -0.34 -10.97
C PHE D 29 0.54 -1.04 -9.74
N ALA D 30 -0.58 -0.48 -9.32
CA ALA D 30 -1.38 -1.08 -8.26
C ALA D 30 -2.78 -1.28 -8.81
N LEU D 31 -3.54 -2.16 -8.14
CA LEU D 31 -4.90 -2.42 -8.60
C LEU D 31 -5.65 -3.10 -7.45
N PHE D 32 -6.97 -3.10 -7.54
CA PHE D 32 -7.83 -3.93 -6.71
C PHE D 32 -8.15 -5.20 -7.49
N THR D 33 -8.05 -6.39 -6.89
CA THR D 33 -8.33 -7.59 -7.71
C THR D 33 -9.84 -7.86 -7.71
N LYS D 34 -10.57 -7.09 -6.92
CA LYS D 34 -12.03 -7.12 -6.89
C LYS D 34 -12.51 -5.80 -6.27
N ASN D 35 -13.78 -5.50 -6.43
CA ASN D 35 -14.27 -4.24 -5.86
C ASN D 35 -13.96 -4.17 -4.36
N GLN D 36 -13.47 -3.01 -3.90
CA GLN D 36 -12.93 -2.80 -2.57
C GLN D 36 -13.97 -2.36 -1.55
N ARG D 37 -15.18 -2.10 -2.06
CA ARG D 37 -16.30 -1.66 -1.22
C ARG D 37 -17.37 -2.74 -1.04
N GLN D 38 -17.09 -3.98 -1.46
CA GLN D 38 -18.03 -5.10 -1.34
C GLN D 38 -17.35 -6.36 -0.80
N TRP D 39 -18.09 -7.13 0.01
CA TRP D 39 -17.50 -8.27 0.68
C TRP D 39 -17.17 -9.43 -0.25
N ARG D 40 -18.11 -9.71 -1.14
CA ARG D 40 -18.10 -10.86 -2.02
C ARG D 40 -17.79 -10.51 -3.47
N ALA D 41 -17.13 -11.44 -4.14
CA ALA D 41 -16.92 -11.39 -5.57
C ALA D 41 -16.78 -12.82 -6.10
N ALA D 42 -17.16 -13.00 -7.36
CA ALA D 42 -16.99 -14.28 -8.03
C ALA D 42 -15.50 -14.66 -8.05
N PRO D 43 -15.27 -15.95 -7.91
CA PRO D 43 -13.93 -16.51 -7.99
C PRO D 43 -13.25 -16.11 -9.30
N LEU D 44 -11.91 -16.02 -9.30
CA LEU D 44 -11.23 -15.72 -10.54
C LEU D 44 -11.43 -16.89 -11.52
N THR D 45 -11.83 -16.55 -12.73
CA THR D 45 -11.91 -17.48 -13.85
C THR D 45 -10.51 -17.71 -14.45
N THR D 46 -10.29 -18.87 -15.06
CA THR D 46 -9.00 -19.14 -15.67
C THR D 46 -8.73 -18.12 -16.77
N GLN D 47 -9.76 -17.61 -17.44
CA GLN D 47 -9.55 -16.65 -18.51
C GLN D 47 -9.08 -15.30 -17.96
N THR D 48 -9.73 -14.85 -16.89
CA THR D 48 -9.30 -13.63 -16.19
C THR D 48 -7.84 -13.70 -15.78
N ILE D 49 -7.48 -14.82 -15.14
CA ILE D 49 -6.09 -15.04 -14.74
C ILE D 49 -5.18 -15.06 -15.92
N ASP D 50 -5.52 -15.83 -16.97
CA ASP D 50 -4.56 -15.88 -18.08
C ASP D 50 -4.46 -14.54 -18.79
N GLU D 51 -5.58 -13.84 -18.92
CA GLU D 51 -5.58 -12.53 -19.59
C GLU D 51 -4.70 -11.54 -18.83
N PHE D 52 -4.79 -11.60 -17.50
CA PHE D 52 -3.96 -10.73 -16.65
C PHE D 52 -2.48 -11.04 -16.79
N LYS D 53 -2.15 -12.35 -16.66
CA LYS D 53 -0.74 -12.70 -16.78
C LYS D 53 -0.19 -12.38 -18.17
N ALA D 54 -1.02 -12.58 -19.21
CA ALA D 54 -0.54 -12.27 -20.56
C ALA D 54 -0.27 -10.78 -20.71
N ALA D 55 -1.20 -9.98 -20.17
CA ALA D 55 -0.98 -8.53 -20.24
C ALA D 55 0.29 -8.10 -19.51
N CYS D 56 0.55 -8.68 -18.33
CA CYS D 56 1.75 -8.25 -17.59
C CYS D 56 3.00 -8.61 -18.37
N GLU D 57 2.97 -9.79 -19.00
CA GLU D 57 4.13 -10.24 -19.82
C GLU D 57 4.31 -9.31 -20.99
N LYS D 58 3.21 -8.98 -21.68
CA LYS D 58 3.27 -8.10 -22.82
C LYS D 58 3.89 -6.76 -22.49
N TYR D 59 3.48 -6.19 -21.37
CA TYR D 59 3.99 -4.87 -20.99
C TYR D 59 5.12 -4.87 -19.96
N HIS D 60 5.73 -6.00 -19.65
CA HIS D 60 6.93 -6.05 -18.85
C HIS D 60 6.73 -5.60 -17.40
N TYR D 61 5.65 -6.08 -16.80
CA TYR D 61 5.38 -5.91 -15.39
C TYR D 61 5.61 -7.27 -14.71
N THR D 62 6.69 -7.36 -13.94
CA THR D 62 6.90 -8.56 -13.13
C THR D 62 6.19 -8.39 -11.79
N SER D 63 6.10 -9.46 -11.01
CA SER D 63 5.36 -9.33 -9.73
C SER D 63 6.00 -8.33 -8.78
N ALA D 64 7.28 -7.99 -8.91
CA ALA D 64 8.05 -7.11 -8.08
C ALA D 64 7.63 -5.65 -8.33
N GLN D 65 6.90 -5.49 -9.42
CA GLN D 65 6.45 -4.18 -9.85
C GLN D 65 4.96 -3.90 -9.61
N ILE D 66 4.27 -4.89 -9.03
CA ILE D 66 2.81 -4.76 -8.91
C ILE D 66 2.40 -4.83 -7.44
N LEU D 67 1.57 -3.88 -7.02
CA LEU D 67 1.22 -3.73 -5.60
C LEU D 67 -0.30 -3.78 -5.45
N PRO D 68 -0.92 -4.95 -5.47
CA PRO D 68 -2.37 -5.01 -5.27
C PRO D 68 -2.73 -4.54 -3.87
N HIS D 69 -3.96 -4.03 -3.78
CA HIS D 69 -4.48 -3.47 -2.55
C HIS D 69 -5.71 -4.26 -2.09
N ASP D 70 -5.81 -4.57 -0.80
CA ASP D 70 -7.06 -5.23 -0.39
C ASP D 70 -8.22 -4.26 -0.21
N SER D 71 -9.35 -4.93 0.11
CA SER D 71 -10.62 -4.28 0.34
C SER D 71 -10.63 -3.28 1.50
N TYR D 72 -11.37 -2.19 1.37
CA TYR D 72 -11.58 -1.23 2.43
C TYR D 72 -12.40 -1.77 3.60
N LEU D 73 -13.14 -2.87 3.41
CA LEU D 73 -14.00 -3.39 4.48
C LEU D 73 -13.31 -4.23 5.53
N ILE D 74 -12.15 -4.78 5.21
CA ILE D 74 -11.43 -5.64 6.12
C ILE D 74 -10.83 -4.87 7.29
N ASN D 75 -11.13 -5.36 8.50
CA ASN D 75 -10.50 -4.79 9.68
C ASN D 75 -9.79 -5.91 10.43
N LEU D 76 -8.49 -6.03 10.28
CA LEU D 76 -7.78 -7.15 10.86
C LEU D 76 -7.52 -7.03 12.36
N GLY D 77 -7.96 -5.92 12.97
CA GLY D 77 -7.83 -5.82 14.42
C GLY D 77 -9.20 -5.68 15.09
N HIS D 78 -10.25 -6.10 14.41
CA HIS D 78 -11.62 -5.88 14.88
C HIS D 78 -11.79 -6.44 16.30
N PRO D 79 -12.35 -5.58 17.15
CA PRO D 79 -12.61 -5.98 18.55
C PRO D 79 -13.74 -6.99 18.71
N VAL D 80 -14.57 -7.17 17.69
CA VAL D 80 -15.65 -8.15 17.81
C VAL D 80 -15.30 -9.43 17.05
N THR D 81 -15.30 -10.55 17.77
CA THR D 81 -14.92 -11.84 17.23
C THR D 81 -15.61 -12.19 15.92
N GLU D 82 -16.92 -11.99 15.72
CA GLU D 82 -17.41 -12.43 14.41
C GLU D 82 -16.91 -11.54 13.27
N ALA D 83 -16.79 -10.25 13.51
CA ALA D 83 -16.35 -9.31 12.48
C ALA D 83 -14.88 -9.49 12.12
N LEU D 84 -14.07 -9.71 13.15
CA LEU D 84 -12.69 -10.13 13.02
C LEU D 84 -12.57 -11.42 12.21
N GLU D 85 -13.48 -12.40 12.40
CA GLU D 85 -13.35 -13.65 11.64
C GLU D 85 -13.71 -13.49 10.18
N LYS D 86 -14.73 -12.68 9.91
CA LYS D 86 -15.12 -12.39 8.55
C LYS D 86 -13.98 -11.65 7.82
N SER D 87 -13.38 -10.66 8.48
CA SER D 87 -12.25 -9.94 7.88
C SER D 87 -11.08 -10.86 7.64
N ARG D 88 -10.82 -11.74 8.60
CA ARG D 88 -9.68 -12.64 8.43
C ARG D 88 -9.95 -13.56 7.25
N ASP D 89 -11.21 -13.99 7.11
CA ASP D 89 -11.58 -14.84 5.98
C ASP D 89 -11.42 -14.12 4.64
N ALA D 90 -11.86 -12.88 4.62
CA ALA D 90 -11.77 -12.02 3.45
C ALA D 90 -10.31 -11.77 3.06
N PHE D 91 -9.49 -11.55 4.10
CA PHE D 91 -8.08 -11.26 3.85
C PHE D 91 -7.36 -12.48 3.29
N ILE D 92 -7.62 -13.68 3.86
CA ILE D 92 -7.05 -14.88 3.24
C ILE D 92 -7.45 -15.04 1.76
N ASP D 93 -8.70 -14.72 1.44
CA ASP D 93 -9.21 -14.86 0.07
C ASP D 93 -8.43 -13.92 -0.84
N GLU D 94 -8.17 -12.73 -0.28
CA GLU D 94 -7.44 -11.73 -1.06
C GLU D 94 -6.03 -12.22 -1.35
N MET D 95 -5.40 -12.83 -0.35
CA MET D 95 -4.04 -13.35 -0.52
C MET D 95 -4.00 -14.48 -1.53
N GLN D 96 -5.07 -15.30 -1.45
CA GLN D 96 -5.19 -16.38 -2.42
C GLN D 96 -5.41 -15.89 -3.84
N ARG D 97 -6.17 -14.80 -4.00
CA ARG D 97 -6.32 -14.33 -5.38
C ARG D 97 -4.95 -13.85 -5.89
N CYS D 98 -4.15 -13.29 -4.99
CA CYS D 98 -2.78 -12.93 -5.41
C CYS D 98 -1.97 -14.11 -5.89
N GLU D 99 -2.03 -15.21 -5.13
CA GLU D 99 -1.37 -16.45 -5.47
C GLU D 99 -1.75 -16.87 -6.89
N GLN D 100 -3.08 -16.83 -7.11
CA GLN D 100 -3.63 -17.23 -8.39
C GLN D 100 -3.15 -16.36 -9.57
N LEU D 101 -2.97 -15.08 -9.27
CA LEU D 101 -2.59 -14.11 -10.30
C LEU D 101 -1.09 -14.01 -10.46
N GLY D 102 -0.34 -14.76 -9.65
CA GLY D 102 1.13 -14.68 -9.74
C GLY D 102 1.67 -13.42 -9.09
N LEU D 103 0.91 -12.85 -8.18
CA LEU D 103 1.31 -11.58 -7.53
C LEU D 103 1.99 -11.90 -6.22
N SER D 104 2.98 -11.13 -5.79
CA SER D 104 3.76 -11.55 -4.63
C SER D 104 3.68 -10.59 -3.46
N LEU D 105 2.94 -9.51 -3.61
CA LEU D 105 2.80 -8.44 -2.66
C LEU D 105 1.30 -8.22 -2.48
N LEU D 106 0.89 -7.95 -1.26
CA LEU D 106 -0.48 -7.51 -1.03
C LEU D 106 -0.49 -6.40 0.01
N ASN D 107 -0.83 -5.20 -0.46
CA ASN D 107 -0.88 -4.02 0.41
C ASN D 107 -2.22 -3.98 1.15
N PHE D 108 -2.19 -3.76 2.47
CA PHE D 108 -3.43 -3.67 3.24
C PHE D 108 -3.30 -2.62 4.34
N HIS D 109 -4.40 -2.19 4.93
CA HIS D 109 -4.44 -1.29 6.08
C HIS D 109 -4.45 -2.07 7.40
N PRO D 110 -3.71 -1.62 8.37
CA PRO D 110 -3.64 -2.35 9.64
C PRO D 110 -4.95 -2.80 10.27
N GLY D 111 -5.85 -1.88 10.58
CA GLY D 111 -7.08 -2.24 11.35
C GLY D 111 -7.39 -1.19 12.38
N SER D 112 -8.52 -1.22 13.06
CA SER D 112 -9.13 -0.15 13.84
C SER D 112 -9.81 -0.70 15.10
N HIS D 113 -9.59 -0.05 16.24
CA HIS D 113 -10.08 -0.59 17.52
C HIS D 113 -11.52 -0.18 17.81
N LEU D 114 -12.08 0.79 17.11
CA LEU D 114 -13.43 1.28 17.31
C LEU D 114 -13.73 1.59 18.78
N MET D 115 -12.71 1.97 19.51
CA MET D 115 -12.71 2.33 20.92
C MET D 115 -13.43 1.27 21.75
N GLN D 116 -13.19 0.00 21.41
CA GLN D 116 -13.78 -1.14 22.12
C GLN D 116 -12.71 -2.03 22.71
N ILE D 117 -11.47 -1.87 22.26
CA ILE D 117 -10.32 -2.64 22.72
C ILE D 117 -9.07 -1.77 22.74
N SER D 118 -8.03 -2.16 23.48
CA SER D 118 -6.87 -1.26 23.58
C SER D 118 -6.04 -1.28 22.30
N GLU D 119 -5.17 -0.30 22.14
CA GLU D 119 -4.29 -0.31 20.97
C GLU D 119 -3.43 -1.57 20.99
N GLU D 120 -2.86 -1.89 22.14
CA GLU D 120 -2.00 -3.08 22.27
C GLU D 120 -2.69 -4.34 21.77
N ASP D 121 -3.93 -4.52 22.25
CA ASP D 121 -4.71 -5.70 21.86
C ASP D 121 -4.99 -5.73 20.36
N CYS D 122 -5.40 -4.58 19.82
CA CYS D 122 -5.68 -4.45 18.39
C CYS D 122 -4.43 -4.77 17.57
N LEU D 123 -3.26 -4.26 17.96
CA LEU D 123 -2.05 -4.52 17.18
C LEU D 123 -1.71 -6.00 17.16
N ALA D 124 -1.97 -6.64 18.32
CA ALA D 124 -1.74 -8.07 18.41
C ALA D 124 -2.73 -8.87 17.58
N ARG D 125 -3.98 -8.40 17.51
CA ARG D 125 -4.96 -9.05 16.63
C ARG D 125 -4.51 -8.99 15.18
N ILE D 126 -4.00 -7.80 14.82
CA ILE D 126 -3.55 -7.61 13.42
C ILE D 126 -2.40 -8.54 13.11
N ALA D 127 -1.43 -8.63 14.02
CA ALA D 127 -0.31 -9.54 13.85
C ALA D 127 -0.73 -11.00 13.73
N GLU D 128 -1.72 -11.40 14.51
CA GLU D 128 -2.34 -12.71 14.41
C GLU D 128 -3.12 -12.92 13.13
N SER D 129 -3.87 -11.92 12.68
CA SER D 129 -4.52 -12.04 11.36
C SER D 129 -3.48 -12.29 10.27
N ILE D 130 -2.35 -11.57 10.35
CA ILE D 130 -1.32 -11.79 9.35
C ILE D 130 -0.71 -13.19 9.43
N ASN D 131 -0.42 -13.68 10.63
CA ASN D 131 0.05 -15.06 10.79
C ASN D 131 -0.95 -16.06 10.22
N ILE D 132 -2.23 -15.90 10.51
CA ILE D 132 -3.25 -16.81 9.95
C ILE D 132 -3.18 -16.87 8.43
N ALA D 133 -3.14 -15.70 7.80
CA ALA D 133 -3.06 -15.62 6.35
C ALA D 133 -1.81 -16.24 5.78
N LEU D 134 -0.64 -15.99 6.36
CA LEU D 134 0.60 -16.52 5.84
C LEU D 134 0.66 -18.04 5.99
N ASP D 135 -0.17 -18.50 6.91
CA ASP D 135 -0.29 -19.92 7.24
C ASP D 135 -1.02 -20.66 6.13
N LYS D 136 -1.92 -19.99 5.41
CA LYS D 136 -2.80 -20.64 4.44
C LYS D 136 -2.43 -20.37 3.00
N THR D 137 -1.32 -19.66 2.81
CA THR D 137 -0.86 -19.28 1.49
C THR D 137 0.67 -19.35 1.45
N GLN D 138 1.20 -19.21 0.25
CA GLN D 138 2.61 -19.14 -0.04
C GLN D 138 2.98 -18.09 -1.07
N GLY D 139 4.16 -17.49 -0.87
CA GLY D 139 4.74 -16.63 -1.89
C GLY D 139 4.17 -15.22 -1.92
N VAL D 140 3.20 -14.92 -1.07
CA VAL D 140 2.69 -13.54 -1.02
C VAL D 140 3.05 -12.84 0.28
N THR D 141 3.71 -11.68 0.21
CA THR D 141 4.11 -10.88 1.36
C THR D 141 3.01 -9.93 1.78
N ALA D 142 2.79 -9.88 3.08
CA ALA D 142 1.78 -8.97 3.63
C ALA D 142 2.46 -7.61 3.84
N VAL D 143 2.06 -6.63 3.04
CA VAL D 143 2.63 -5.28 3.11
C VAL D 143 1.69 -4.30 3.80
N ILE D 144 2.08 -3.95 5.03
CA ILE D 144 1.28 -3.08 5.88
C ILE D 144 1.45 -1.61 5.49
N GLU D 145 0.36 -0.94 5.17
CA GLU D 145 0.44 0.47 4.85
C GLU D 145 0.40 1.35 6.09
N ASN D 146 1.20 2.41 6.19
CA ASN D 146 0.93 3.35 7.31
C ASN D 146 -0.35 4.11 7.00
N THR D 147 -0.95 4.67 8.07
CA THR D 147 -2.21 5.38 7.95
C THR D 147 -2.12 6.79 8.48
N ALA D 148 -3.15 7.57 8.13
CA ALA D 148 -3.24 8.93 8.61
C ALA D 148 -3.69 8.99 10.07
N GLY D 149 -4.28 7.91 10.57
CA GLY D 149 -4.77 7.99 11.94
C GLY D 149 -6.17 8.58 12.04
N GLN D 150 -7.02 8.38 11.04
CA GLN D 150 -8.40 8.87 11.14
C GLN D 150 -9.14 7.97 12.13
N GLY D 151 -10.12 8.51 12.83
CA GLY D 151 -10.89 7.72 13.77
C GLY D 151 -10.07 6.86 14.70
N SER D 152 -10.42 5.58 14.75
CA SER D 152 -9.76 4.59 15.59
C SER D 152 -8.81 3.72 14.78
N ASN D 153 -8.44 4.23 13.59
CA ASN D 153 -7.52 3.48 12.74
C ASN D 153 -6.09 3.52 13.28
N LEU D 154 -5.45 2.36 13.39
CA LEU D 154 -4.08 2.31 13.88
C LEU D 154 -3.11 2.36 12.68
N GLY D 155 -1.82 2.32 12.96
CA GLY D 155 -0.85 2.34 11.85
C GLY D 155 -0.35 3.72 11.52
N PHE D 156 -0.71 4.71 12.31
CA PHE D 156 -0.32 6.08 12.02
C PHE D 156 1.06 6.40 12.61
N LYS D 157 1.50 5.62 13.59
CA LYS D 157 2.86 5.74 14.12
C LYS D 157 3.71 4.62 13.55
N PHE D 158 4.97 4.90 13.16
CA PHE D 158 5.81 3.81 12.70
C PHE D 158 5.94 2.72 13.78
N GLU D 159 5.81 3.10 15.05
CA GLU D 159 5.92 2.14 16.14
C GLU D 159 4.84 1.06 16.07
N HIS D 160 3.67 1.46 15.60
CA HIS D 160 2.58 0.52 15.34
C HIS D 160 2.96 -0.53 14.32
N LEU D 161 3.58 -0.08 13.22
CA LEU D 161 4.02 -1.01 12.20
C LEU D 161 5.09 -1.94 12.78
N ALA D 162 5.99 -1.38 13.58
CA ALA D 162 7.04 -2.25 14.16
C ALA D 162 6.45 -3.32 15.09
N ALA D 163 5.52 -2.89 15.93
CA ALA D 163 4.82 -3.78 16.86
C ALA D 163 4.02 -4.85 16.14
N ILE D 164 3.36 -4.54 15.03
CA ILE D 164 2.75 -5.64 14.27
C ILE D 164 3.81 -6.58 13.77
N ILE D 165 4.89 -6.09 13.14
CA ILE D 165 5.91 -6.97 12.61
C ILE D 165 6.58 -7.84 13.68
N ASP D 166 6.72 -7.26 14.88
CA ASP D 166 7.27 -8.05 15.99
C ASP D 166 6.37 -9.25 16.30
N GLY D 167 5.08 -9.13 16.02
CA GLY D 167 4.15 -10.23 16.23
C GLY D 167 4.05 -11.20 15.09
N VAL D 168 4.72 -10.93 13.96
CA VAL D 168 4.58 -11.85 12.83
C VAL D 168 5.67 -12.92 12.93
N GLU D 169 5.25 -14.17 12.81
CA GLU D 169 6.08 -15.34 12.85
C GLU D 169 7.09 -15.38 11.70
N ASP D 170 6.57 -15.33 10.48
CA ASP D 170 7.41 -15.44 9.28
C ASP D 170 7.71 -14.04 8.73
N LYS D 171 8.80 -13.47 9.21
CA LYS D 171 9.16 -12.09 8.88
C LYS D 171 9.63 -11.97 7.44
N SER D 172 9.86 -13.11 6.79
CA SER D 172 10.25 -13.13 5.38
C SER D 172 9.08 -12.68 4.50
N ARG D 173 7.85 -12.70 5.04
CA ARG D 173 6.68 -12.38 4.23
C ARG D 173 5.81 -11.30 4.84
N VAL D 174 6.45 -10.36 5.54
CA VAL D 174 5.78 -9.15 6.00
C VAL D 174 6.64 -7.97 5.57
N GLY D 175 5.97 -6.86 5.29
CA GLY D 175 6.67 -5.65 4.95
C GLY D 175 5.81 -4.42 5.14
N VAL D 176 6.29 -3.26 4.68
CA VAL D 176 5.50 -2.05 4.86
C VAL D 176 5.48 -1.22 3.56
N CYS D 177 4.41 -0.46 3.44
CA CYS D 177 4.29 0.50 2.33
C CYS D 177 4.13 1.86 2.96
N ILE D 178 5.01 2.83 2.65
CA ILE D 178 4.78 4.12 3.26
C ILE D 178 4.06 5.05 2.29
N ASP D 179 2.94 5.60 2.74
CA ASP D 179 2.16 6.59 2.04
C ASP D 179 2.55 7.97 2.54
N THR D 180 3.07 8.84 1.67
CA THR D 180 3.51 10.15 2.14
C THR D 180 2.41 11.08 2.67
N CYS D 181 1.22 10.97 2.07
CA CYS D 181 0.12 11.80 2.60
C CYS D 181 -0.21 11.37 4.00
N HIS D 182 -0.34 10.04 4.14
CA HIS D 182 -0.67 9.53 5.47
C HIS D 182 0.41 9.88 6.48
N ALA D 183 1.69 9.75 6.15
CA ALA D 183 2.71 10.12 7.11
C ALA D 183 2.62 11.56 7.58
N PHE D 184 2.38 12.43 6.60
CA PHE D 184 2.31 13.88 6.79
C PHE D 184 1.10 14.18 7.66
N ALA D 185 -0.03 13.53 7.35
CA ALA D 185 -1.23 13.73 8.14
C ALA D 185 -1.03 13.26 9.58
N ALA D 186 -0.23 12.20 9.78
CA ALA D 186 0.01 11.67 11.12
C ALA D 186 1.04 12.50 11.88
N GLY D 187 1.67 13.51 11.30
CA GLY D 187 2.67 14.29 12.02
C GLY D 187 4.11 14.09 11.62
N TYR D 188 4.38 13.35 10.55
CA TYR D 188 5.75 13.18 10.05
C TYR D 188 6.02 14.20 8.95
N ASP D 189 6.82 15.23 9.20
CA ASP D 189 6.93 16.30 8.20
C ASP D 189 7.80 15.88 7.04
N LEU D 190 7.41 16.35 5.85
CA LEU D 190 8.07 16.10 4.60
C LEU D 190 8.24 17.40 3.78
N ARG D 191 8.07 18.57 4.37
CA ARG D 191 7.94 19.77 3.52
C ARG D 191 9.26 20.33 3.07
N THR D 192 10.38 19.80 3.56
CA THR D 192 11.71 20.17 3.11
C THR D 192 12.59 18.94 3.07
N PRO D 193 13.68 18.94 2.32
CA PRO D 193 14.60 17.79 2.33
C PRO D 193 15.05 17.43 3.74
N ALA D 194 15.33 18.43 4.58
CA ALA D 194 15.78 18.16 5.94
C ALA D 194 14.71 17.45 6.75
N GLU D 195 13.46 17.85 6.48
CA GLU D 195 12.39 17.16 7.22
C GLU D 195 12.25 15.73 6.71
N CYS D 196 12.49 15.54 5.41
CA CYS D 196 12.42 14.20 4.82
C CYS D 196 13.49 13.33 5.49
N GLU D 197 14.70 13.85 5.57
CA GLU D 197 15.76 13.16 6.29
C GLU D 197 15.34 12.71 7.68
N LYS D 198 14.75 13.64 8.43
CA LYS D 198 14.35 13.38 9.80
C LYS D 198 13.32 12.26 9.83
N THR D 199 12.31 12.40 8.96
CA THR D 199 11.21 11.44 8.94
C THR D 199 11.68 10.03 8.57
N PHE D 200 12.57 9.89 7.62
CA PHE D 200 12.99 8.57 7.17
C PHE D 200 14.09 8.03 8.10
N ALA D 201 14.77 8.87 8.87
CA ALA D 201 15.68 8.34 9.91
C ALA D 201 14.80 7.73 11.00
N ASP D 202 13.68 8.37 11.35
CA ASP D 202 12.73 7.80 12.30
C ASP D 202 12.21 6.45 11.82
N PHE D 203 11.78 6.39 10.56
CA PHE D 203 11.37 5.12 9.97
C PHE D 203 12.48 4.09 10.09
N ALA D 204 13.72 4.48 9.76
CA ALA D 204 14.85 3.55 9.83
C ALA D 204 15.05 2.99 11.23
N ARG D 205 14.88 3.79 12.27
CA ARG D 205 15.11 3.45 13.65
C ARG D 205 14.02 2.56 14.23
N THR D 206 12.83 2.79 13.71
CA THR D 206 11.66 2.14 14.30
C THR D 206 11.26 0.90 13.53
N VAL D 207 11.29 0.95 12.20
CA VAL D 207 10.88 -0.18 11.36
C VAL D 207 12.09 -0.77 10.67
N GLY D 208 12.82 0.10 9.98
CA GLY D 208 13.96 -0.26 9.16
C GLY D 208 13.70 -0.46 7.70
N PHE D 209 14.60 0.02 6.83
CA PHE D 209 14.32 -0.07 5.40
C PHE D 209 14.29 -1.49 4.86
N LYS D 210 14.78 -2.46 5.63
CA LYS D 210 14.72 -3.82 5.07
C LYS D 210 13.29 -4.31 4.89
N TYR D 211 12.36 -3.70 5.63
CA TYR D 211 10.96 -4.09 5.47
C TYR D 211 10.25 -3.21 4.45
N LEU D 212 10.93 -2.25 3.82
CA LEU D 212 10.16 -1.36 2.92
C LEU D 212 9.91 -2.03 1.59
N ARG D 213 8.65 -2.27 1.26
CA ARG D 213 8.24 -2.99 0.06
C ARG D 213 7.39 -2.18 -0.93
N GLY D 214 7.12 -0.91 -0.61
CA GLY D 214 6.35 -0.10 -1.59
C GLY D 214 6.24 1.30 -1.02
N MET D 215 5.81 2.24 -1.88
CA MET D 215 5.51 3.59 -1.44
C MET D 215 4.20 4.00 -2.14
N HIS D 216 3.40 4.82 -1.46
CA HIS D 216 2.36 5.53 -2.16
C HIS D 216 2.76 7.01 -2.20
N LEU D 217 2.92 7.57 -3.39
CA LEU D 217 3.40 8.92 -3.58
C LEU D 217 2.18 9.84 -3.78
N ASN D 218 1.80 10.43 -2.64
CA ASN D 218 0.62 11.28 -2.60
C ASN D 218 0.96 12.61 -1.94
N ASP D 219 0.58 13.72 -2.60
CA ASP D 219 0.60 14.99 -1.86
C ASP D 219 -0.61 14.99 -0.92
N ALA D 220 -0.75 15.99 -0.06
CA ALA D 220 -1.82 15.99 0.94
C ALA D 220 -2.75 17.19 0.81
N LYS D 221 -4.05 16.98 0.69
CA LYS D 221 -4.99 18.11 0.78
C LYS D 221 -5.20 18.46 2.25
N SER D 222 -5.07 17.46 3.11
CA SER D 222 -5.13 17.73 4.55
C SER D 222 -3.84 18.37 5.02
N THR D 223 -3.81 18.90 6.24
CA THR D 223 -2.68 19.64 6.75
C THR D 223 -1.85 18.78 7.71
N PHE D 224 -0.66 19.27 8.03
CA PHE D 224 0.29 18.62 8.91
C PHE D 224 -0.29 18.20 10.26
N GLY D 225 -0.20 16.91 10.56
CA GLY D 225 -0.66 16.35 11.80
C GLY D 225 -2.14 16.35 11.99
N SER D 226 -2.91 16.64 10.96
CA SER D 226 -4.35 16.75 10.99
C SER D 226 -5.03 15.40 11.23
N ARG D 227 -4.29 14.33 10.92
CA ARG D 227 -4.84 12.98 11.03
C ARG D 227 -6.04 12.81 10.11
N VAL D 228 -6.02 13.49 8.97
CA VAL D 228 -7.08 13.38 7.95
C VAL D 228 -6.47 12.83 6.67
N ASP D 229 -7.15 11.84 6.10
CA ASP D 229 -6.63 11.18 4.89
C ASP D 229 -7.27 11.79 3.65
N ARG D 230 -6.65 12.78 3.04
CA ARG D 230 -7.14 13.37 1.79
C ARG D 230 -5.94 13.66 0.87
N HIS D 231 -5.93 12.95 -0.25
CA HIS D 231 -4.80 13.08 -1.17
C HIS D 231 -4.86 14.31 -2.03
N HIS D 232 -3.71 14.62 -2.64
CA HIS D 232 -3.70 15.65 -3.67
C HIS D 232 -2.66 15.33 -4.72
N SER D 233 -2.76 15.94 -5.91
CA SER D 233 -1.72 15.81 -6.92
C SER D 233 -0.36 16.38 -6.47
N LEU D 234 0.72 15.82 -7.01
CA LEU D 234 2.06 16.20 -6.60
C LEU D 234 2.28 17.70 -6.77
N GLY D 235 2.83 18.30 -5.72
CA GLY D 235 3.07 19.73 -5.73
C GLY D 235 1.88 20.58 -5.42
N GLU D 236 0.64 20.10 -5.51
CA GLU D 236 -0.52 20.94 -5.26
C GLU D 236 -1.04 20.94 -3.83
N GLY D 237 -0.56 20.04 -2.98
CA GLY D 237 -1.04 19.95 -1.62
C GLY D 237 -0.09 20.61 -0.64
N ASN D 238 -0.20 20.26 0.62
CA ASN D 238 0.53 20.86 1.73
C ASN D 238 1.92 20.27 1.89
N ILE D 239 2.25 19.18 1.18
CA ILE D 239 3.62 18.68 1.26
C ILE D 239 4.53 19.39 0.27
N GLY D 240 4.03 19.62 -0.95
CA GLY D 240 4.81 20.27 -1.98
C GLY D 240 5.69 19.30 -2.74
N HIS D 241 6.38 19.77 -3.78
CA HIS D 241 7.11 18.88 -4.65
C HIS D 241 8.46 18.41 -4.08
N ASP D 242 9.03 19.12 -3.12
CA ASP D 242 10.42 18.78 -2.77
C ASP D 242 10.54 17.35 -2.24
N ALA D 243 9.60 16.93 -1.43
CA ALA D 243 9.67 15.57 -0.88
C ALA D 243 9.77 14.51 -1.94
N PHE D 244 9.02 14.70 -3.05
CA PHE D 244 9.00 13.74 -4.13
C PHE D 244 10.29 13.75 -4.93
N ARG D 245 10.88 14.93 -5.15
CA ARG D 245 12.20 14.94 -5.80
C ARG D 245 13.21 14.24 -4.89
N TRP D 246 13.13 14.52 -3.60
CA TRP D 246 14.03 13.90 -2.62
C TRP D 246 13.95 12.39 -2.64
N ILE D 247 12.73 11.83 -2.63
CA ILE D 247 12.56 10.40 -2.75
C ILE D 247 13.09 9.85 -4.06
N MET D 248 12.85 10.52 -5.19
CA MET D 248 13.36 10.00 -6.46
C MET D 248 14.89 10.01 -6.47
N GLN D 249 15.48 10.93 -5.71
CA GLN D 249 16.96 10.95 -5.76
C GLN D 249 17.61 10.03 -4.75
N ASP D 250 16.83 9.37 -3.90
CA ASP D 250 17.40 8.50 -2.84
C ASP D 250 17.36 7.05 -3.23
N ASP D 251 18.52 6.35 -3.22
CA ASP D 251 18.51 5.00 -3.77
C ASP D 251 17.85 3.98 -2.85
N ARG D 252 17.49 4.41 -1.66
CA ARG D 252 16.81 3.47 -0.75
C ARG D 252 15.44 3.08 -1.25
N PHE D 253 14.91 3.87 -2.18
CA PHE D 253 13.57 3.61 -2.68
C PHE D 253 13.56 2.88 -4.02
N ASP D 254 14.66 2.23 -4.41
CA ASP D 254 14.67 1.46 -5.65
C ASP D 254 14.12 0.05 -5.51
N GLY D 255 13.70 -0.54 -6.63
CA GLY D 255 13.29 -1.94 -6.68
C GLY D 255 11.96 -2.25 -6.03
N ILE D 256 11.20 -1.18 -5.72
CA ILE D 256 9.87 -1.41 -5.09
C ILE D 256 8.80 -0.65 -5.84
N PRO D 257 7.55 -1.05 -5.83
CA PRO D 257 6.54 -0.22 -6.52
C PRO D 257 6.35 1.13 -5.84
N LEU D 258 6.52 2.22 -6.62
CA LEU D 258 6.24 3.57 -6.13
C LEU D 258 4.96 4.01 -6.84
N ILE D 259 3.90 4.10 -6.05
CA ILE D 259 2.57 4.22 -6.65
C ILE D 259 1.89 5.54 -6.38
N LEU D 260 1.55 6.30 -7.42
CA LEU D 260 0.71 7.46 -7.26
C LEU D 260 -0.74 7.08 -6.91
N GLU D 261 -1.29 7.72 -5.86
CA GLU D 261 -2.74 7.61 -5.66
C GLU D 261 -3.32 9.03 -5.65
N THR D 262 -2.71 9.87 -6.50
CA THR D 262 -3.13 11.28 -6.56
C THR D 262 -4.51 11.35 -7.18
N ILE D 263 -5.14 12.53 -7.04
CA ILE D 263 -6.59 12.60 -7.18
C ILE D 263 -7.07 12.93 -8.58
N ASN D 264 -6.19 13.30 -9.50
CA ASN D 264 -6.53 13.60 -10.89
C ASN D 264 -5.83 12.66 -11.84
N PRO D 265 -6.49 11.54 -12.18
CA PRO D 265 -5.87 10.52 -13.03
C PRO D 265 -5.50 11.04 -14.41
N ASP D 266 -6.11 12.14 -14.85
CA ASP D 266 -5.81 12.74 -16.14
C ASP D 266 -4.39 13.25 -16.25
N ILE D 267 -3.73 13.46 -15.12
CA ILE D 267 -2.32 13.88 -15.22
C ILE D 267 -1.36 12.81 -14.72
N TRP D 268 -1.76 11.56 -14.53
CA TRP D 268 -0.78 10.55 -14.03
C TRP D 268 0.38 10.36 -14.97
N ALA D 269 0.17 10.39 -16.29
CA ALA D 269 1.29 10.19 -17.18
C ALA D 269 2.31 11.31 -16.96
N GLU D 270 1.83 12.53 -16.77
CA GLU D 270 2.75 13.67 -16.55
C GLU D 270 3.38 13.60 -15.16
N GLU D 271 2.66 13.15 -14.14
CA GLU D 271 3.27 12.95 -12.81
C GLU D 271 4.34 11.88 -12.86
N ILE D 272 4.05 10.78 -13.58
CA ILE D 272 5.04 9.73 -13.73
C ILE D 272 6.28 10.28 -14.45
N ALA D 273 6.08 11.06 -15.50
CA ALA D 273 7.29 11.54 -16.18
C ALA D 273 8.07 12.52 -15.35
N TRP D 274 7.35 13.34 -14.60
CA TRP D 274 8.04 14.31 -13.77
C TRP D 274 8.84 13.52 -12.73
N LEU D 275 8.20 12.56 -12.04
CA LEU D 275 9.01 11.74 -11.12
C LEU D 275 10.24 11.13 -11.75
N LYS D 276 10.13 10.57 -12.94
CA LYS D 276 11.24 9.92 -13.64
C LYS D 276 12.38 10.92 -13.86
N ALA D 277 11.97 12.12 -14.25
CA ALA D 277 12.95 13.17 -14.53
C ALA D 277 13.57 13.74 -13.29
N GLN D 278 13.08 13.46 -12.07
CA GLN D 278 13.74 13.98 -10.88
C GLN D 278 14.92 13.10 -10.46
N GLN D 279 15.13 11.97 -11.10
CA GLN D 279 16.15 11.01 -10.67
C GLN D 279 17.56 11.51 -11.00
ZN ZN E . -4.26 1.89 1.22
ZN ZN F . -5.08 7.55 1.75
ZN ZN G . -2.21 4.95 0.36
#